data_1AOB
#
_entry.id   1AOB
#
_cell.length_a   133.020
_cell.length_b   133.020
_cell.length_c   133.020
_cell.angle_alpha   90.00
_cell.angle_beta   90.00
_cell.angle_gamma   90.00
#
_symmetry.space_group_name_H-M   'I 21 3'
#
loop_
_entity.id
_entity.type
_entity.pdbx_description
1 polymer 'THYMIDYLATE SYNTHASE'
2 non-polymer 'PHOSPHATE ION'
3 non-polymer "2'-5'DIDEOXYURIDINE"
4 non-polymer 'FORMIC ACID'
#
_entity_poly.entity_id   1
_entity_poly.type   'polypeptide(L)'
_entity_poly.pdbx_seq_one_letter_code
;MKQYLELMQKVLDEGTQKNDRTGTGTLSIFGHQMRFNLQDGFPLVTTKRCHLRSIIHELLWFLQGDTNIAYLHENNVTIW
DEWADENGDLGPVYGKQWRAWPTPDGRHIDQITTVLNQLKNDPDSRRIIVSAWNVGELDKMALAPCHAFFQFYVADGKLS
CQLYQRSCDVFLGLPFNIASYALLVHMMAQQCDLEVGDFVWTGGDTHLYSNHMDQTHLQLSREPRPLPKLIIKRKPESIF
DYRFEDFEIEGYDPHPGIKAPVAI
;
_entity_poly.pdbx_strand_id   A
#
loop_
_chem_comp.id
_chem_comp.type
_chem_comp.name
_chem_comp.formula
DDU non-polymer 2'-5'DIDEOXYURIDINE 'C9 H12 N2 O4'
FMT non-polymer 'FORMIC ACID' 'C H2 O2'
PO4 non-polymer 'PHOSPHATE ION' 'O4 P -3'
#
# COMPACT_ATOMS: atom_id res chain seq x y z
N MET A 1 -10.64 -1.42 11.83
CA MET A 1 -11.54 -0.50 11.16
C MET A 1 -12.78 -1.25 10.77
N LYS A 2 -13.91 -0.55 10.82
CA LYS A 2 -15.21 -1.06 10.43
C LYS A 2 -15.27 -1.71 9.06
N GLN A 3 -14.69 -1.05 8.05
CA GLN A 3 -14.68 -1.54 6.68
C GLN A 3 -13.79 -2.77 6.53
N TYR A 4 -12.66 -2.81 7.27
CA TYR A 4 -11.75 -3.95 7.26
C TYR A 4 -12.31 -5.15 8.01
N LEU A 5 -12.92 -4.96 9.19
CA LEU A 5 -13.56 -6.07 9.92
C LEU A 5 -14.77 -6.63 9.17
N GLU A 6 -15.53 -5.78 8.45
CA GLU A 6 -16.59 -6.17 7.53
C GLU A 6 -16.09 -6.97 6.34
N LEU A 7 -14.90 -6.67 5.82
CA LEU A 7 -14.29 -7.48 4.78
C LEU A 7 -13.82 -8.78 5.43
N MET A 8 -13.16 -8.84 6.60
CA MET A 8 -12.76 -10.10 7.21
C MET A 8 -13.91 -11.05 7.36
N GLN A 9 -15.02 -10.49 7.87
CA GLN A 9 -16.25 -11.23 7.99
C GLN A 9 -16.76 -11.76 6.67
N LYS A 10 -16.72 -10.95 5.60
CA LYS A 10 -17.20 -11.37 4.30
C LYS A 10 -16.39 -12.52 3.74
N VAL A 11 -15.07 -12.60 3.98
CA VAL A 11 -14.25 -13.70 3.48
C VAL A 11 -14.54 -14.98 4.24
N LEU A 12 -14.76 -14.88 5.56
CA LEU A 12 -15.16 -16.05 6.32
C LEU A 12 -16.51 -16.59 5.88
N ASP A 13 -17.58 -15.77 5.78
CA ASP A 13 -18.89 -16.25 5.33
C ASP A 13 -19.08 -16.62 3.86
N GLU A 14 -18.33 -15.92 2.99
CA GLU A 14 -18.47 -16.08 1.56
C GLU A 14 -17.32 -16.67 0.77
N GLY A 15 -16.12 -16.70 1.31
CA GLY A 15 -14.99 -17.25 0.59
C GLY A 15 -15.05 -18.73 0.23
N THR A 16 -14.58 -19.03 -0.98
CA THR A 16 -14.44 -20.40 -1.46
C THR A 16 -13.06 -20.89 -1.08
N GLN A 17 -12.99 -22.21 -0.86
CA GLN A 17 -11.73 -22.85 -0.60
C GLN A 17 -10.89 -22.89 -1.86
N LYS A 18 -9.82 -22.09 -1.88
CA LYS A 18 -8.93 -21.96 -3.02
C LYS A 18 -7.48 -22.15 -2.59
N ASN A 19 -6.63 -22.85 -3.32
CA ASN A 19 -5.27 -22.99 -2.83
C ASN A 19 -4.27 -22.01 -3.40
N ASP A 20 -3.26 -21.85 -2.57
CA ASP A 20 -2.14 -21.00 -2.87
C ASP A 20 -1.04 -21.79 -3.58
N ARG A 21 -0.01 -21.14 -4.13
CA ARG A 21 1.08 -21.81 -4.86
C ARG A 21 1.74 -22.94 -4.11
N THR A 22 1.28 -24.10 -4.56
CA THR A 22 1.66 -25.46 -4.11
C THR A 22 1.63 -25.53 -2.56
N GLY A 23 0.72 -24.75 -1.94
CA GLY A 23 0.78 -24.63 -0.52
C GLY A 23 -0.56 -24.61 0.15
N THR A 24 -0.57 -23.58 0.98
CA THR A 24 -1.62 -23.34 1.95
C THR A 24 -2.99 -23.07 1.35
N GLY A 25 -4.02 -23.56 2.05
CA GLY A 25 -5.36 -23.28 1.65
C GLY A 25 -5.70 -21.85 2.01
N THR A 26 -6.61 -21.31 1.20
CA THR A 26 -7.17 -20.00 1.50
C THR A 26 -8.70 -20.03 1.32
N LEU A 27 -9.36 -19.10 2.01
CA LEU A 27 -10.76 -18.79 1.80
C LEU A 27 -10.67 -17.53 0.97
N SER A 28 -11.28 -17.52 -0.20
CA SER A 28 -11.07 -16.44 -1.13
C SER A 28 -12.32 -15.86 -1.77
N ILE A 29 -12.36 -14.53 -1.91
CA ILE A 29 -13.44 -13.87 -2.64
C ILE A 29 -12.83 -13.10 -3.83
N PHE A 30 -13.55 -12.79 -4.91
CA PHE A 30 -12.97 -11.96 -5.99
C PHE A 30 -13.71 -10.66 -6.24
N GLY A 31 -13.02 -9.53 -6.15
CA GLY A 31 -13.67 -8.26 -6.34
C GLY A 31 -14.32 -7.75 -5.06
N HIS A 32 -13.66 -6.75 -4.52
CA HIS A 32 -14.14 -6.09 -3.32
C HIS A 32 -13.73 -4.63 -3.40
N GLN A 33 -14.51 -3.68 -2.87
CA GLN A 33 -14.07 -2.29 -2.86
C GLN A 33 -14.46 -1.61 -1.55
N MET A 34 -13.57 -0.82 -0.95
CA MET A 34 -13.79 -0.13 0.32
C MET A 34 -13.43 1.33 0.12
N ARG A 35 -13.98 2.24 0.91
CA ARG A 35 -13.65 3.64 0.78
C ARG A 35 -13.30 4.21 2.15
N PHE A 36 -12.22 4.98 2.23
CA PHE A 36 -11.78 5.58 3.46
C PHE A 36 -11.72 7.07 3.21
N ASN A 37 -12.53 7.86 3.88
CA ASN A 37 -12.43 9.31 3.75
C ASN A 37 -11.25 9.71 4.64
N LEU A 38 -10.19 10.20 4.02
CA LEU A 38 -8.99 10.54 4.75
C LEU A 38 -9.13 11.76 5.66
N GLN A 39 -10.24 12.48 5.54
CA GLN A 39 -10.55 13.60 6.42
C GLN A 39 -11.02 13.12 7.80
N ASP A 40 -11.57 11.89 7.86
CA ASP A 40 -12.01 11.27 9.10
C ASP A 40 -10.89 10.68 9.99
N GLY A 41 -9.65 10.71 9.55
CA GLY A 41 -8.57 10.12 10.30
C GLY A 41 -7.81 9.16 9.41
N PHE A 42 -6.60 8.79 9.88
CA PHE A 42 -5.68 7.93 9.18
C PHE A 42 -6.10 6.47 9.34
N PRO A 43 -6.27 5.75 8.22
CA PRO A 43 -6.75 4.37 8.19
C PRO A 43 -5.76 3.30 8.61
N LEU A 44 -5.35 3.35 9.88
CA LEU A 44 -4.46 2.36 10.43
C LEU A 44 -5.33 1.51 11.33
N VAL A 45 -5.32 0.19 11.11
CA VAL A 45 -6.12 -0.76 11.86
C VAL A 45 -5.80 -0.68 13.35
N THR A 46 -6.85 -0.44 14.14
CA THR A 46 -6.68 -0.34 15.58
C THR A 46 -7.03 -1.65 16.25
N THR A 47 -7.67 -2.65 15.63
CA THR A 47 -7.95 -3.91 16.32
C THR A 47 -6.80 -4.89 16.46
N LYS A 48 -5.65 -4.45 15.95
CA LYS A 48 -4.35 -5.06 16.20
C LYS A 48 -3.29 -3.99 15.98
N ARG A 49 -2.29 -3.97 16.85
CA ARG A 49 -1.21 -3.01 16.69
C ARG A 49 -0.35 -3.28 15.48
N CYS A 50 -0.29 -2.20 14.72
CA CYS A 50 0.49 -2.13 13.51
C CYS A 50 1.64 -1.15 13.64
N HIS A 51 2.78 -1.63 13.17
CA HIS A 51 4.00 -0.84 13.13
C HIS A 51 4.31 -0.21 11.78
N LEU A 52 4.03 1.09 11.80
CA LEU A 52 4.25 1.99 10.67
C LEU A 52 5.69 2.33 10.26
N ARG A 53 6.73 2.16 11.08
CA ARG A 53 8.07 2.58 10.66
C ARG A 53 8.64 1.83 9.45
N SER A 54 8.34 0.55 9.21
CA SER A 54 8.72 -0.16 7.97
C SER A 54 7.96 0.28 6.74
N ILE A 55 6.69 0.67 6.94
CA ILE A 55 5.79 1.20 5.92
C ILE A 55 6.40 2.50 5.39
N ILE A 56 6.72 3.47 6.26
CA ILE A 56 7.31 4.75 5.86
C ILE A 56 8.62 4.53 5.10
N HIS A 57 9.56 3.78 5.67
CA HIS A 57 10.81 3.46 4.98
C HIS A 57 10.70 2.73 3.65
N GLU A 58 9.72 1.86 3.49
CA GLU A 58 9.51 1.21 2.22
C GLU A 58 8.94 2.21 1.18
N LEU A 59 8.05 3.12 1.58
CA LEU A 59 7.48 4.10 0.69
C LEU A 59 8.52 5.07 0.19
N LEU A 60 9.35 5.64 1.08
CA LEU A 60 10.40 6.56 0.68
C LEU A 60 11.46 5.91 -0.20
N TRP A 61 11.69 4.60 -0.06
CA TRP A 61 12.56 3.74 -0.88
C TRP A 61 11.97 3.58 -2.29
N PHE A 62 10.67 3.28 -2.44
CA PHE A 62 9.96 3.26 -3.72
C PHE A 62 10.09 4.60 -4.45
N LEU A 63 9.89 5.75 -3.78
CA LEU A 63 10.01 7.06 -4.42
C LEU A 63 11.40 7.40 -4.89
N GLN A 64 12.43 6.74 -4.38
CA GLN A 64 13.76 6.99 -4.89
C GLN A 64 14.12 6.20 -6.12
N GLY A 65 13.22 5.31 -6.51
CA GLY A 65 13.39 4.43 -7.65
C GLY A 65 14.34 3.29 -7.36
N ASP A 66 14.45 2.96 -6.09
CA ASP A 66 15.38 1.98 -5.59
C ASP A 66 14.78 0.58 -5.55
N THR A 67 15.58 -0.32 -6.12
CA THR A 67 15.25 -1.72 -6.29
C THR A 67 16.14 -2.69 -5.49
N ASN A 68 17.13 -2.09 -4.82
CA ASN A 68 18.04 -2.78 -3.94
C ASN A 68 17.68 -2.54 -2.48
N ILE A 69 17.88 -3.60 -1.69
CA ILE A 69 17.59 -3.66 -0.28
C ILE A 69 18.49 -2.88 0.68
N ALA A 70 19.67 -2.39 0.24
CA ALA A 70 20.62 -1.63 1.07
C ALA A 70 20.05 -0.51 1.92
N TYR A 71 19.26 0.42 1.35
CA TYR A 71 18.63 1.50 2.10
C TYR A 71 17.80 1.01 3.27
N LEU A 72 17.03 -0.05 3.00
CA LEU A 72 16.13 -0.62 3.99
C LEU A 72 17.00 -1.27 5.06
N HIS A 73 18.10 -1.90 4.67
CA HIS A 73 19.00 -2.47 5.64
C HIS A 73 19.69 -1.49 6.54
N GLU A 74 20.02 -0.30 6.01
CA GLU A 74 20.60 0.80 6.79
C GLU A 74 19.70 1.28 7.91
N ASN A 75 18.40 1.02 7.73
CA ASN A 75 17.41 1.40 8.71
C ASN A 75 16.82 0.19 9.42
N ASN A 76 17.45 -0.99 9.23
CA ASN A 76 16.98 -2.28 9.71
C ASN A 76 15.51 -2.64 9.49
N VAL A 77 15.16 -2.37 8.23
CA VAL A 77 13.87 -2.72 7.68
C VAL A 77 14.21 -3.95 6.83
N THR A 78 13.55 -5.01 7.25
CA THR A 78 13.85 -6.32 6.76
C THR A 78 12.71 -7.05 6.05
N ILE A 79 11.64 -6.31 5.69
CA ILE A 79 10.48 -6.88 5.02
C ILE A 79 10.69 -7.45 3.61
N TRP A 80 11.75 -7.08 2.93
CA TRP A 80 11.98 -7.58 1.59
C TRP A 80 13.08 -8.61 1.48
N ASP A 81 13.71 -8.95 2.61
CA ASP A 81 14.80 -9.92 2.64
C ASP A 81 14.54 -11.27 1.96
N GLU A 82 13.34 -11.76 2.23
CA GLU A 82 12.83 -12.99 1.67
C GLU A 82 12.89 -13.07 0.15
N TRP A 83 12.79 -11.93 -0.55
CA TRP A 83 12.78 -11.89 -1.99
C TRP A 83 14.12 -11.49 -2.58
N ALA A 84 14.95 -10.71 -1.89
CA ALA A 84 16.21 -10.25 -2.44
C ALA A 84 17.20 -11.34 -2.75
N ASP A 85 17.98 -11.15 -3.81
CA ASP A 85 19.10 -12.02 -4.15
C ASP A 85 20.34 -11.70 -3.28
N GLU A 86 21.45 -12.35 -3.60
CA GLU A 86 22.73 -12.27 -2.88
C GLU A 86 23.31 -10.86 -2.83
N ASN A 87 22.98 -10.03 -3.82
CA ASN A 87 23.43 -8.65 -3.82
C ASN A 87 22.41 -7.67 -3.25
N GLY A 88 21.23 -8.13 -2.84
CA GLY A 88 20.17 -7.27 -2.35
C GLY A 88 19.22 -6.79 -3.44
N ASP A 89 19.34 -7.29 -4.66
CA ASP A 89 18.48 -6.90 -5.77
C ASP A 89 17.19 -7.68 -5.82
N LEU A 90 16.14 -6.90 -6.07
CA LEU A 90 14.80 -7.44 -6.24
C LEU A 90 14.27 -7.49 -7.67
N GLY A 91 15.08 -7.01 -8.62
CA GLY A 91 14.69 -6.91 -10.02
C GLY A 91 13.92 -5.62 -10.26
N PRO A 92 13.36 -5.33 -11.44
CA PRO A 92 12.63 -4.10 -11.71
C PRO A 92 11.26 -4.04 -11.05
N VAL A 93 11.18 -4.15 -9.73
CA VAL A 93 9.89 -4.11 -9.06
C VAL A 93 9.47 -2.64 -8.86
N TYR A 94 8.37 -2.41 -8.14
CA TYR A 94 7.79 -1.11 -7.90
C TYR A 94 8.57 0.18 -8.12
N GLY A 95 9.64 0.44 -7.37
CA GLY A 95 10.39 1.68 -7.44
C GLY A 95 10.96 1.98 -8.79
N LYS A 96 11.47 0.94 -9.44
CA LYS A 96 11.94 1.10 -10.79
C LYS A 96 10.78 1.42 -11.74
N GLN A 97 9.61 0.79 -11.64
CA GLN A 97 8.53 1.10 -12.55
C GLN A 97 7.91 2.45 -12.30
N TRP A 98 7.86 2.88 -11.05
CA TRP A 98 7.30 4.16 -10.70
C TRP A 98 8.16 5.29 -11.23
N ARG A 99 9.48 5.18 -11.12
CA ARG A 99 10.41 6.25 -11.45
C ARG A 99 11.16 6.13 -12.78
N ALA A 100 11.16 4.95 -13.37
CA ALA A 100 11.90 4.70 -14.58
C ALA A 100 11.37 3.54 -15.39
N TRP A 101 10.09 3.66 -15.82
CA TRP A 101 9.47 2.68 -16.70
C TRP A 101 10.26 2.64 -18.01
N PRO A 102 10.92 1.56 -18.43
CA PRO A 102 11.66 1.54 -19.68
C PRO A 102 10.81 1.40 -20.95
N THR A 103 11.03 2.27 -21.92
CA THR A 103 10.29 2.22 -23.18
C THR A 103 11.01 1.34 -24.22
N PRO A 104 10.39 0.86 -25.32
CA PRO A 104 11.06 0.12 -26.38
C PRO A 104 12.18 0.93 -27.01
N ASP A 105 12.09 2.26 -27.03
CA ASP A 105 13.08 3.09 -27.71
C ASP A 105 14.14 3.75 -26.83
N GLY A 106 14.34 3.19 -25.64
CA GLY A 106 15.43 3.61 -24.79
C GLY A 106 15.15 4.70 -23.78
N ARG A 107 13.93 5.24 -23.64
CA ARG A 107 13.60 6.21 -22.61
C ARG A 107 13.23 5.56 -21.27
N HIS A 108 13.26 6.34 -20.19
CA HIS A 108 12.86 5.84 -18.89
C HIS A 108 11.78 6.80 -18.44
N ILE A 109 10.52 6.40 -18.22
CA ILE A 109 9.46 7.36 -17.90
C ILE A 109 9.27 7.47 -16.39
N ASP A 110 9.30 8.69 -15.88
CA ASP A 110 9.09 8.94 -14.46
C ASP A 110 7.61 9.21 -14.27
N GLN A 111 6.85 8.18 -13.90
CA GLN A 111 5.41 8.28 -13.75
C GLN A 111 5.02 9.10 -12.54
N ILE A 112 5.90 9.21 -11.52
CA ILE A 112 5.58 9.99 -10.33
C ILE A 112 5.67 11.49 -10.66
N THR A 113 6.67 11.98 -11.42
CA THR A 113 6.68 13.38 -11.82
C THR A 113 5.56 13.71 -12.82
N THR A 114 5.21 12.78 -13.73
CA THR A 114 4.12 12.94 -14.66
C THR A 114 2.84 13.20 -13.86
N VAL A 115 2.47 12.31 -12.93
CA VAL A 115 1.32 12.46 -12.06
C VAL A 115 1.32 13.81 -11.33
N LEU A 116 2.42 14.34 -10.76
CA LEU A 116 2.43 15.66 -10.14
C LEU A 116 2.19 16.77 -11.12
N ASN A 117 2.81 16.65 -12.30
CA ASN A 117 2.55 17.56 -13.40
C ASN A 117 1.06 17.67 -13.74
N GLN A 118 0.37 16.53 -13.82
CA GLN A 118 -1.04 16.50 -14.13
C GLN A 118 -1.91 17.02 -13.02
N LEU A 119 -1.54 16.81 -11.77
CA LEU A 119 -2.37 17.28 -10.68
C LEU A 119 -2.29 18.78 -10.53
N LYS A 120 -1.19 19.35 -11.01
CA LYS A 120 -0.98 20.79 -10.91
C LYS A 120 -1.47 21.52 -12.12
N ASN A 121 -1.22 20.98 -13.32
CA ASN A 121 -1.55 21.66 -14.54
C ASN A 121 -2.81 21.21 -15.22
N ASP A 122 -3.26 20.00 -14.93
CA ASP A 122 -4.46 19.46 -15.55
C ASP A 122 -5.21 18.59 -14.55
N PRO A 123 -5.72 19.12 -13.44
CA PRO A 123 -6.31 18.32 -12.38
C PRO A 123 -7.61 17.60 -12.78
N ASP A 124 -8.34 18.07 -13.80
CA ASP A 124 -9.55 17.35 -14.21
C ASP A 124 -9.28 16.16 -15.11
N SER A 125 -8.02 15.82 -15.38
CA SER A 125 -7.66 14.64 -16.16
C SER A 125 -8.18 13.31 -15.60
N ARG A 126 -8.70 12.47 -16.50
CA ARG A 126 -9.14 11.14 -16.14
C ARG A 126 -8.03 10.13 -16.47
N ARG A 127 -6.80 10.58 -16.71
CA ARG A 127 -5.71 9.72 -17.08
C ARG A 127 -4.62 9.89 -16.02
N ILE A 128 -4.89 10.28 -14.75
CA ILE A 128 -3.77 10.47 -13.80
C ILE A 128 -3.49 9.14 -13.09
N ILE A 129 -2.74 8.26 -13.75
CA ILE A 129 -2.50 6.86 -13.36
C ILE A 129 -1.02 6.56 -13.18
N VAL A 130 -0.57 5.79 -12.17
CA VAL A 130 0.76 5.20 -12.29
C VAL A 130 0.57 3.68 -12.19
N SER A 131 1.21 2.96 -13.11
CA SER A 131 1.21 1.53 -13.25
C SER A 131 2.56 0.85 -13.00
N ALA A 132 2.55 -0.23 -12.24
CA ALA A 132 3.73 -1.05 -12.00
C ALA A 132 3.59 -2.38 -12.76
N TRP A 133 2.51 -2.61 -13.50
CA TRP A 133 2.37 -3.82 -14.28
C TRP A 133 3.01 -3.63 -15.66
N ASN A 134 4.34 -3.78 -15.70
CA ASN A 134 5.10 -3.76 -16.94
C ASN A 134 5.25 -5.20 -17.38
N VAL A 135 4.41 -5.59 -18.32
CA VAL A 135 4.37 -6.96 -18.83
C VAL A 135 5.72 -7.44 -19.34
N GLY A 136 6.50 -6.63 -20.03
CA GLY A 136 7.78 -7.06 -20.59
C GLY A 136 8.92 -7.22 -19.60
N GLU A 137 8.71 -6.77 -18.35
CA GLU A 137 9.69 -6.91 -17.27
C GLU A 137 9.25 -7.83 -16.14
N LEU A 138 8.08 -8.49 -16.24
CA LEU A 138 7.58 -9.33 -15.15
C LEU A 138 8.45 -10.55 -14.90
N ASP A 139 8.98 -11.20 -15.93
CA ASP A 139 9.92 -12.30 -15.72
C ASP A 139 11.18 -11.93 -14.95
N LYS A 140 11.61 -10.66 -14.88
CA LYS A 140 12.86 -10.36 -14.22
C LYS A 140 12.60 -9.85 -12.80
N MET A 141 11.35 -9.68 -12.37
CA MET A 141 11.04 -9.16 -11.04
C MET A 141 11.01 -10.28 -10.03
N ALA A 142 11.38 -10.03 -8.76
CA ALA A 142 11.41 -11.08 -7.73
C ALA A 142 10.04 -11.68 -7.47
N LEU A 143 9.05 -10.79 -7.59
CA LEU A 143 7.64 -11.10 -7.51
C LEU A 143 6.86 -10.11 -8.35
N ALA A 144 5.76 -10.52 -9.00
CA ALA A 144 4.91 -9.61 -9.77
C ALA A 144 4.21 -8.65 -8.82
N PRO A 145 4.04 -7.36 -9.16
CA PRO A 145 3.36 -6.35 -8.35
C PRO A 145 2.02 -6.79 -7.81
N CYS A 146 1.74 -6.69 -6.51
CA CYS A 146 0.41 -6.98 -5.97
C CYS A 146 -0.45 -5.72 -6.08
N HIS A 147 0.10 -4.58 -5.63
CA HIS A 147 -0.58 -3.33 -5.83
C HIS A 147 -0.01 -2.80 -7.16
N ALA A 148 -0.74 -3.18 -8.19
CA ALA A 148 -0.35 -3.01 -9.57
C ALA A 148 -0.64 -1.72 -10.28
N PHE A 149 -1.61 -0.94 -9.82
CA PHE A 149 -2.14 0.12 -10.65
C PHE A 149 -2.85 1.11 -9.75
N PHE A 150 -2.65 2.40 -9.92
CA PHE A 150 -3.45 3.36 -9.19
C PHE A 150 -3.72 4.68 -9.90
N GLN A 151 -4.91 5.19 -9.63
CA GLN A 151 -5.38 6.37 -10.31
C GLN A 151 -5.71 7.49 -9.35
N PHE A 152 -5.26 8.71 -9.59
CA PHE A 152 -5.64 9.86 -8.79
C PHE A 152 -6.84 10.56 -9.40
N TYR A 153 -7.54 11.36 -8.61
CA TYR A 153 -8.72 12.10 -9.04
C TYR A 153 -8.84 13.40 -8.26
N VAL A 154 -9.14 14.54 -8.89
CA VAL A 154 -9.33 15.78 -8.14
C VAL A 154 -10.72 16.32 -8.39
N ALA A 155 -11.45 16.57 -7.32
CA ALA A 155 -12.71 17.27 -7.41
C ALA A 155 -12.85 18.07 -6.12
N ASP A 156 -13.33 19.32 -6.25
CA ASP A 156 -13.51 20.29 -5.16
C ASP A 156 -12.38 20.51 -4.15
N GLY A 157 -11.19 20.72 -4.73
CA GLY A 157 -9.96 20.94 -3.95
C GLY A 157 -9.42 19.73 -3.22
N LYS A 158 -10.01 18.56 -3.46
CA LYS A 158 -9.67 17.32 -2.78
C LYS A 158 -9.16 16.23 -3.69
N LEU A 159 -8.00 15.69 -3.27
CA LEU A 159 -7.34 14.61 -3.95
C LEU A 159 -7.74 13.24 -3.40
N SER A 160 -8.30 12.43 -4.30
CA SER A 160 -8.67 11.04 -4.04
C SER A 160 -7.76 10.10 -4.83
N CYS A 161 -7.77 8.80 -4.57
CA CYS A 161 -6.88 7.86 -5.22
C CYS A 161 -7.48 6.48 -5.14
N GLN A 162 -7.48 5.72 -6.23
CA GLN A 162 -7.97 4.34 -6.22
C GLN A 162 -6.82 3.41 -6.55
N LEU A 163 -6.65 2.40 -5.70
CA LEU A 163 -5.65 1.36 -5.88
C LEU A 163 -6.31 0.05 -6.28
N TYR A 164 -5.74 -0.54 -7.32
CA TYR A 164 -6.15 -1.87 -7.73
C TYR A 164 -5.11 -2.83 -7.20
N GLN A 165 -5.55 -3.77 -6.37
CA GLN A 165 -4.65 -4.75 -5.86
C GLN A 165 -5.08 -6.13 -6.37
N ARG A 166 -4.29 -6.75 -7.26
CA ARG A 166 -4.63 -8.06 -7.83
C ARG A 166 -4.77 -9.22 -6.86
N SER A 167 -4.02 -9.15 -5.77
CA SER A 167 -3.99 -10.18 -4.74
C SER A 167 -3.82 -9.58 -3.37
N CYS A 168 -4.59 -10.09 -2.42
CA CYS A 168 -4.55 -9.53 -1.08
C CYS A 168 -4.69 -10.50 0.10
N ASP A 169 -3.70 -10.59 1.02
CA ASP A 169 -3.84 -11.37 2.26
C ASP A 169 -4.45 -10.37 3.21
N VAL A 170 -5.70 -10.61 3.58
CA VAL A 170 -6.47 -9.69 4.39
C VAL A 170 -5.90 -9.57 5.79
N PHE A 171 -5.36 -10.64 6.36
CA PHE A 171 -4.86 -10.52 7.71
C PHE A 171 -3.51 -9.83 7.82
N LEU A 172 -2.51 -10.36 7.13
CA LEU A 172 -1.17 -9.87 7.28
C LEU A 172 -0.85 -8.69 6.39
N GLY A 173 -1.25 -8.76 5.12
CA GLY A 173 -0.84 -7.77 4.17
C GLY A 173 -1.69 -6.54 4.08
N LEU A 174 -3.02 -6.64 4.00
CA LEU A 174 -3.82 -5.45 3.78
C LEU A 174 -3.71 -4.29 4.78
N PRO A 175 -3.61 -4.35 6.11
CA PRO A 175 -3.48 -3.16 6.94
C PRO A 175 -2.26 -2.30 6.61
N PHE A 176 -1.25 -3.00 6.14
CA PHE A 176 -0.02 -2.42 5.69
C PHE A 176 -0.23 -1.78 4.33
N ASN A 177 -0.93 -2.41 3.39
CA ASN A 177 -1.15 -1.76 2.10
C ASN A 177 -2.04 -0.55 2.21
N ILE A 178 -3.07 -0.50 3.07
CA ILE A 178 -3.89 0.70 3.17
C ILE A 178 -3.09 1.86 3.72
N ALA A 179 -2.32 1.71 4.79
CA ALA A 179 -1.53 2.81 5.38
C ALA A 179 -0.47 3.36 4.46
N SER A 180 0.24 2.50 3.75
CA SER A 180 1.26 2.91 2.79
C SER A 180 0.66 3.84 1.74
N TYR A 181 -0.46 3.48 1.11
CA TYR A 181 -1.10 4.33 0.11
C TYR A 181 -1.78 5.57 0.64
N ALA A 182 -2.42 5.51 1.81
CA ALA A 182 -3.02 6.67 2.42
C ALA A 182 -1.93 7.67 2.76
N LEU A 183 -0.75 7.20 3.16
CA LEU A 183 0.40 8.06 3.39
C LEU A 183 0.81 8.73 2.07
N LEU A 184 0.86 8.01 0.93
CA LEU A 184 1.20 8.63 -0.35
C LEU A 184 0.20 9.72 -0.78
N VAL A 185 -1.13 9.57 -0.56
CA VAL A 185 -2.17 10.58 -0.85
C VAL A 185 -1.91 11.83 -0.05
N HIS A 186 -1.59 11.75 1.26
CA HIS A 186 -1.20 12.92 2.06
C HIS A 186 0.05 13.59 1.55
N MET A 187 1.11 12.88 1.11
CA MET A 187 2.30 13.54 0.56
C MET A 187 2.02 14.21 -0.77
N MET A 188 1.36 13.54 -1.72
CA MET A 188 0.93 14.10 -3.01
C MET A 188 0.11 15.38 -2.83
N ALA A 189 -0.88 15.32 -1.92
CA ALA A 189 -1.77 16.43 -1.65
C ALA A 189 -1.00 17.62 -1.12
N GLN A 190 -0.13 17.43 -0.14
CA GLN A 190 0.67 18.49 0.40
C GLN A 190 1.45 19.18 -0.70
N GLN A 191 2.03 18.42 -1.63
CA GLN A 191 2.80 18.99 -2.71
C GLN A 191 2.00 19.72 -3.77
N CYS A 192 0.72 19.39 -3.96
CA CYS A 192 -0.13 20.06 -4.96
C CYS A 192 -1.07 21.12 -4.38
N ASP A 193 -0.91 21.38 -3.08
CA ASP A 193 -1.75 22.27 -2.31
C ASP A 193 -3.22 21.93 -2.37
N LEU A 194 -3.49 20.64 -2.28
CA LEU A 194 -4.85 20.14 -2.27
C LEU A 194 -5.13 19.48 -0.94
N GLU A 195 -6.40 19.44 -0.54
CA GLU A 195 -6.85 18.74 0.65
C GLU A 195 -6.91 17.25 0.42
N VAL A 196 -6.97 16.37 1.42
CA VAL A 196 -7.15 14.95 1.16
C VAL A 196 -8.63 14.58 1.06
N GLY A 197 -8.84 13.65 0.14
CA GLY A 197 -10.16 13.14 -0.15
C GLY A 197 -10.28 11.71 0.30
N ASP A 198 -10.63 10.84 -0.63
CA ASP A 198 -10.85 9.44 -0.37
C ASP A 198 -9.72 8.53 -0.81
N PHE A 199 -9.52 7.42 -0.12
CA PHE A 199 -8.67 6.39 -0.61
C PHE A 199 -9.66 5.29 -0.92
N VAL A 200 -9.77 4.84 -2.16
CA VAL A 200 -10.68 3.78 -2.51
C VAL A 200 -9.81 2.56 -2.73
N TRP A 201 -10.02 1.43 -2.02
CA TRP A 201 -9.23 0.23 -2.21
C TRP A 201 -10.04 -0.78 -3.03
N THR A 202 -9.52 -1.24 -4.17
CA THR A 202 -10.19 -2.26 -4.94
C THR A 202 -9.31 -3.49 -4.97
N GLY A 203 -9.84 -4.68 -4.68
CA GLY A 203 -9.04 -5.88 -4.73
C GLY A 203 -9.60 -6.88 -5.68
N GLY A 204 -8.68 -7.75 -6.09
CA GLY A 204 -8.94 -8.87 -6.96
C GLY A 204 -9.14 -10.14 -6.14
N ASP A 205 -8.21 -11.10 -6.09
CA ASP A 205 -8.35 -12.29 -5.26
C ASP A 205 -8.07 -11.89 -3.81
N THR A 206 -9.10 -11.66 -2.99
CA THR A 206 -8.94 -11.18 -1.61
C THR A 206 -9.15 -12.35 -0.66
N HIS A 207 -8.11 -12.72 0.09
CA HIS A 207 -8.13 -13.97 0.82
C HIS A 207 -7.67 -13.97 2.27
N LEU A 208 -7.94 -15.07 2.97
CA LEU A 208 -7.49 -15.35 4.32
C LEU A 208 -6.83 -16.71 4.26
N TYR A 209 -5.59 -16.86 4.73
CA TYR A 209 -4.99 -18.18 4.81
C TYR A 209 -5.66 -19.01 5.89
N SER A 210 -5.80 -20.30 5.65
CA SER A 210 -6.45 -21.19 6.60
C SER A 210 -5.82 -21.26 8.00
N ASN A 211 -4.49 -21.11 8.09
CA ASN A 211 -3.80 -21.12 9.36
C ASN A 211 -3.73 -19.74 10.00
N HIS A 212 -4.67 -18.86 9.64
CA HIS A 212 -4.84 -17.59 10.34
C HIS A 212 -6.27 -17.50 10.87
N MET A 213 -7.02 -18.61 10.94
CA MET A 213 -8.38 -18.56 11.42
C MET A 213 -8.57 -18.21 12.90
N ASP A 214 -7.71 -18.70 13.81
CA ASP A 214 -7.83 -18.38 15.23
C ASP A 214 -7.63 -16.87 15.45
N GLN A 215 -6.66 -16.30 14.72
CA GLN A 215 -6.30 -14.89 14.76
C GLN A 215 -7.34 -13.93 14.17
N THR A 216 -8.05 -14.38 13.12
CA THR A 216 -9.12 -13.60 12.51
C THR A 216 -10.35 -13.66 13.41
N HIS A 217 -10.67 -14.80 14.02
CA HIS A 217 -11.72 -14.84 15.02
C HIS A 217 -11.41 -13.99 16.23
N LEU A 218 -10.17 -13.95 16.72
CA LEU A 218 -9.75 -13.09 17.81
C LEU A 218 -9.88 -11.61 17.47
N GLN A 219 -9.45 -11.19 16.28
CA GLN A 219 -9.57 -9.80 15.89
C GLN A 219 -11.03 -9.35 15.70
N LEU A 220 -11.89 -10.19 15.13
CA LEU A 220 -13.31 -9.88 15.00
C LEU A 220 -14.01 -9.75 16.35
N SER A 221 -13.43 -10.23 17.48
CA SER A 221 -13.94 -10.00 18.85
C SER A 221 -13.81 -8.54 19.29
N ARG A 222 -12.79 -7.86 18.75
CA ARG A 222 -12.49 -6.49 19.13
C ARG A 222 -13.27 -5.37 18.48
N GLU A 223 -13.63 -4.43 19.33
CA GLU A 223 -14.30 -3.22 18.92
C GLU A 223 -13.28 -2.27 18.36
N PRO A 224 -13.49 -1.67 17.20
CA PRO A 224 -12.63 -0.62 16.71
C PRO A 224 -12.52 0.60 17.62
N ARG A 225 -11.32 1.16 17.52
CA ARG A 225 -10.89 2.30 18.30
C ARG A 225 -10.85 3.54 17.40
N PRO A 226 -11.07 4.78 17.85
CA PRO A 226 -10.94 6.01 17.07
C PRO A 226 -9.67 6.08 16.26
N LEU A 227 -9.84 6.44 14.99
CA LEU A 227 -8.73 6.48 14.06
C LEU A 227 -7.74 7.58 14.37
N PRO A 228 -6.43 7.31 14.25
CA PRO A 228 -5.38 8.27 14.54
C PRO A 228 -5.28 9.44 13.57
N LYS A 229 -4.40 10.40 13.84
CA LYS A 229 -4.20 11.54 12.97
C LYS A 229 -2.76 11.64 12.49
N LEU A 230 -2.54 11.64 11.17
CA LEU A 230 -1.21 11.83 10.63
C LEU A 230 -0.88 13.32 10.48
N ILE A 231 0.22 13.69 11.11
CA ILE A 231 0.73 15.04 11.02
C ILE A 231 2.10 14.99 10.34
N ILE A 232 2.26 15.79 9.27
CA ILE A 232 3.53 15.89 8.55
C ILE A 232 4.17 17.18 9.08
N LYS A 233 5.31 17.09 9.78
CA LYS A 233 5.95 18.21 10.44
C LYS A 233 6.64 19.22 9.53
N ARG A 234 6.73 18.95 8.25
CA ARG A 234 7.53 19.77 7.36
C ARG A 234 6.98 19.67 5.95
N LYS A 235 7.05 20.75 5.15
CA LYS A 235 6.69 20.62 3.76
C LYS A 235 7.99 20.60 2.94
N PRO A 236 8.51 19.44 2.49
CA PRO A 236 9.68 19.32 1.63
C PRO A 236 9.52 20.07 0.33
N GLU A 237 10.66 20.37 -0.29
CA GLU A 237 10.65 21.08 -1.56
C GLU A 237 10.13 20.25 -2.74
N SER A 238 10.08 18.92 -2.56
CA SER A 238 9.45 18.03 -3.52
C SER A 238 9.11 16.72 -2.85
N ILE A 239 8.39 15.89 -3.61
CA ILE A 239 7.96 14.55 -3.22
C ILE A 239 9.13 13.58 -2.95
N PHE A 240 10.29 13.89 -3.51
CA PHE A 240 11.46 13.03 -3.34
C PHE A 240 12.33 13.48 -2.16
N ASP A 241 11.93 14.56 -1.46
CA ASP A 241 12.70 15.08 -0.34
C ASP A 241 12.12 14.91 1.06
N TYR A 242 11.30 13.88 1.29
CA TYR A 242 10.77 13.57 2.60
C TYR A 242 11.75 12.64 3.32
N ARG A 243 11.61 12.72 4.64
CA ARG A 243 12.44 11.98 5.55
C ARG A 243 11.56 11.28 6.57
N PHE A 244 12.08 10.17 7.11
CA PHE A 244 11.35 9.36 8.07
C PHE A 244 10.75 10.17 9.21
N GLU A 245 11.54 11.11 9.74
CA GLU A 245 11.17 11.97 10.86
C GLU A 245 10.06 12.99 10.60
N ASP A 246 9.72 13.25 9.34
CA ASP A 246 8.67 14.21 9.00
C ASP A 246 7.27 13.76 9.36
N PHE A 247 7.06 12.51 9.71
CA PHE A 247 5.72 12.00 9.93
C PHE A 247 5.52 11.64 11.39
N GLU A 248 4.34 11.95 11.91
CA GLU A 248 3.93 11.53 13.24
C GLU A 248 2.49 11.08 13.22
N ILE A 249 2.17 10.03 13.98
CA ILE A 249 0.80 9.51 14.06
C ILE A 249 0.38 9.88 15.46
N GLU A 250 -0.75 10.55 15.52
CA GLU A 250 -1.23 11.11 16.77
C GLU A 250 -2.49 10.43 17.25
N GLY A 251 -2.61 10.02 18.51
CA GLY A 251 -3.86 9.43 18.99
C GLY A 251 -4.11 7.99 18.56
N TYR A 252 -3.07 7.17 18.45
CA TYR A 252 -3.23 5.78 18.04
C TYR A 252 -3.20 4.91 19.28
N ASP A 253 -4.35 4.32 19.59
CA ASP A 253 -4.41 3.42 20.73
C ASP A 253 -5.00 2.09 20.30
N PRO A 254 -4.21 1.20 19.69
CA PRO A 254 -4.64 -0.12 19.25
C PRO A 254 -4.82 -1.16 20.33
N HIS A 255 -5.43 -2.28 19.94
CA HIS A 255 -5.51 -3.45 20.77
C HIS A 255 -4.18 -4.13 20.57
N PRO A 256 -3.77 -5.18 21.32
CA PRO A 256 -2.48 -5.81 21.14
C PRO A 256 -2.24 -6.41 19.75
N GLY A 257 -0.98 -6.53 19.34
CA GLY A 257 -0.62 -7.12 18.06
C GLY A 257 -0.91 -8.61 18.04
N ILE A 258 -1.27 -9.13 16.87
CA ILE A 258 -1.55 -10.55 16.74
C ILE A 258 -0.53 -11.12 15.76
N LYS A 259 0.09 -12.25 16.07
CA LYS A 259 1.03 -12.85 15.12
C LYS A 259 0.35 -13.80 14.18
N ALA A 260 0.83 -13.76 12.95
CA ALA A 260 0.33 -14.62 11.90
C ALA A 260 1.50 -15.38 11.28
N PRO A 261 1.61 -16.69 11.46
CA PRO A 261 2.67 -17.49 10.91
C PRO A 261 2.41 -17.77 9.44
N VAL A 262 3.46 -18.09 8.68
CA VAL A 262 3.34 -18.42 7.28
C VAL A 262 3.99 -19.78 7.01
N ALA A 263 3.41 -20.58 6.11
CA ALA A 263 4.04 -21.81 5.67
C ALA A 263 5.25 -21.52 4.80
N ILE A 264 6.12 -22.49 4.60
CA ILE A 264 7.29 -22.25 3.79
C ILE A 264 7.46 -23.21 2.58
P PO4 B . 1.13 -14.65 -5.79
O1 PO4 B . 1.86 -13.36 -6.28
O2 PO4 B . 2.14 -15.39 -5.05
O3 PO4 B . 0.73 -15.30 -7.05
O4 PO4 B . 0.04 -14.11 -5.00
N1 DDU C . 0.37 -9.50 -0.34
C2 DDU C . -0.47 -8.48 0.11
N3 DDU C . 0.02 -7.21 -0.01
C4 DDU C . 1.27 -6.86 -0.51
C5 DDU C . 2.08 -7.98 -0.94
C6 DDU C . 1.58 -9.29 -0.82
O2 DDU C . -1.56 -8.67 0.63
O4 DDU C . 1.59 -5.67 -0.64
C1' DDU C . -0.12 -10.89 -0.33
C2' DDU C . -0.75 -11.31 -1.65
C3' DDU C . -0.90 -12.81 -1.47
C4' DDU C . 0.51 -13.10 -0.95
O3' DDU C . -1.87 -13.06 -0.45
O4' DDU C . 0.81 -11.99 -0.03
C5' DDU C . 1.52 -13.12 -2.13
C FMT D . -10.07 -1.09 12.99
O1 FMT D . -9.77 0.03 13.36
O2 FMT D . -9.25 -2.02 13.00
#